data_8PJW
#
_entry.id   8PJW
#
_cell.length_a   45.703
_cell.length_b   65.603
_cell.length_c   78.283
_cell.angle_alpha   90.000
_cell.angle_beta   90.900
_cell.angle_gamma   90.000
#
_symmetry.space_group_name_H-M   'P 1 21 1'
#
loop_
_entity.id
_entity.type
_entity.pdbx_description
1 polymer SAKe6FE
2 water water
#
_entity_poly.entity_id   1
_entity_poly.type   'polypeptide(L)'
_entity_poly.pdbx_seq_one_letter_code
;GSHMDGHIYAVGGFDGHTHLNSVEAYDPERDEWHLVAPMTTRRSGVGVAVLQGRIYVLGGYDGHTFLDSVEAYDPDTDTW
SEVTRMTSGRSGVGVAVTDGHIYAVGGFDGHTHLNSVEAYDPERDEWHLVAPMTTRRSGVGVAVLQGRIYVLGGYDGHTF
LDSVEAYDPDTDTWSEVTRMTSGRSGVGVAVTDGHIYAVGGFDGHTHLNSVEAYDPERDEWHLVAPMTTRRSGVGVAVLQ
GRIYVLGGYDGHTFLDSVEAYDPDTDTWSEVTRMTSGRSGVGVAVT
;
_entity_poly.pdbx_strand_id   A,B
#
# COMPACT_ATOMS: atom_id res chain seq x y z
N GLY A 6 18.72 -23.89 -10.79
CA GLY A 6 18.41 -23.87 -9.37
C GLY A 6 16.95 -24.13 -9.01
N HIS A 7 16.74 -24.36 -7.71
CA HIS A 7 15.42 -24.63 -7.13
C HIS A 7 15.18 -23.60 -6.03
N ILE A 8 13.91 -23.36 -5.73
CA ILE A 8 13.50 -22.60 -4.56
C ILE A 8 13.05 -23.62 -3.53
N TYR A 9 13.56 -23.52 -2.29
CA TYR A 9 13.07 -24.40 -1.22
C TYR A 9 12.23 -23.59 -0.24
N ALA A 10 11.04 -24.10 0.09
CA ALA A 10 10.15 -23.46 1.07
C ALA A 10 10.19 -24.34 2.31
N VAL A 11 10.60 -23.74 3.42
CA VAL A 11 10.98 -24.48 4.64
C VAL A 11 9.97 -24.19 5.75
N GLY A 12 9.32 -25.25 6.25
CA GLY A 12 8.48 -25.12 7.45
C GLY A 12 7.33 -24.14 7.29
N GLY A 13 7.08 -23.40 8.36
CA GLY A 13 5.94 -22.51 8.38
C GLY A 13 4.80 -23.09 9.22
N PHE A 14 3.69 -22.34 9.25
CA PHE A 14 2.49 -22.71 9.97
C PHE A 14 1.36 -22.77 8.96
N ASP A 15 0.55 -23.83 9.01
CA ASP A 15 -0.47 -23.99 7.99
C ASP A 15 -1.85 -23.64 8.53
N GLY A 16 -1.93 -23.10 9.75
CA GLY A 16 -3.20 -22.79 10.38
C GLY A 16 -3.57 -23.73 11.51
N HIS A 17 -2.93 -24.89 11.54
CA HIS A 17 -3.21 -25.87 12.62
C HIS A 17 -1.90 -26.51 13.07
N THR A 18 -0.99 -26.65 12.13
CA THR A 18 0.26 -27.36 12.42
C THR A 18 1.52 -26.57 12.07
N HIS A 19 2.47 -26.55 13.01
CA HIS A 19 3.82 -26.04 12.71
C HIS A 19 4.43 -27.18 11.88
N LEU A 20 5.07 -26.84 10.79
CA LEU A 20 5.45 -27.84 9.80
C LEU A 20 6.91 -28.20 9.92
N ASN A 21 7.21 -29.49 9.77
CA ASN A 21 8.61 -29.85 9.53
C ASN A 21 8.85 -30.22 8.08
N SER A 22 7.83 -30.12 7.22
CA SER A 22 7.98 -30.47 5.82
C SER A 22 8.67 -29.35 5.05
N VAL A 23 9.30 -29.74 3.94
CA VAL A 23 10.08 -28.83 3.10
C VAL A 23 9.74 -29.18 1.65
N GLU A 24 9.53 -28.17 0.81
CA GLU A 24 9.23 -28.47 -0.59
C GLU A 24 10.10 -27.64 -1.52
N ALA A 25 10.30 -28.16 -2.73
CA ALA A 25 11.17 -27.56 -3.72
C ALA A 25 10.37 -27.18 -4.98
N TYR A 26 10.75 -26.04 -5.54
CA TYR A 26 10.11 -25.48 -6.73
C TYR A 26 11.10 -25.48 -7.89
N ASP A 27 10.67 -26.02 -9.02
CA ASP A 27 11.49 -25.97 -10.25
C ASP A 27 10.85 -24.96 -11.18
N PRO A 28 11.55 -23.88 -11.55
CA PRO A 28 10.87 -22.79 -12.25
C PRO A 28 10.51 -23.14 -13.67
N GLU A 29 11.29 -24.00 -14.33
CA GLU A 29 10.91 -24.48 -15.67
C GLU A 29 9.63 -25.33 -15.61
N ARG A 30 9.59 -26.32 -14.71
CA ARG A 30 8.37 -27.13 -14.67
C ARG A 30 7.21 -26.43 -13.97
N ASP A 31 7.47 -25.29 -13.31
CA ASP A 31 6.46 -24.58 -12.50
C ASP A 31 5.66 -25.53 -11.61
N GLU A 32 6.40 -26.34 -10.83
CA GLU A 32 5.77 -27.30 -9.93
C GLU A 32 6.53 -27.40 -8.60
N TRP A 33 5.78 -27.63 -7.55
CA TRP A 33 6.32 -27.85 -6.21
C TRP A 33 6.19 -29.32 -5.82
N HIS A 34 7.18 -29.84 -5.08
CA HIS A 34 7.00 -31.16 -4.49
C HIS A 34 7.80 -31.25 -3.19
N LEU A 35 7.32 -32.08 -2.26
CA LEU A 35 8.03 -32.23 -1.00
C LEU A 35 9.41 -32.89 -1.20
N VAL A 36 10.35 -32.53 -0.32
CA VAL A 36 11.61 -33.29 -0.27
C VAL A 36 11.66 -33.91 1.11
N ALA A 37 12.86 -34.34 1.56
CA ALA A 37 12.94 -34.98 2.88
C ALA A 37 12.58 -33.94 3.92
N PRO A 38 11.76 -34.31 4.92
CA PRO A 38 11.41 -33.35 5.98
C PRO A 38 12.55 -33.11 6.97
N MET A 39 12.48 -31.94 7.58
CA MET A 39 13.40 -31.53 8.63
C MET A 39 13.09 -32.31 9.90
N THR A 40 14.06 -32.26 10.80
CA THR A 40 13.84 -32.93 12.07
C THR A 40 12.88 -32.17 12.97
N THR A 41 12.94 -30.84 12.97
CA THR A 41 12.16 -30.05 13.92
C THR A 41 11.05 -29.28 13.20
N ARG A 42 9.86 -29.20 13.81
CA ARG A 42 8.84 -28.30 13.24
C ARG A 42 9.25 -26.84 13.49
N ARG A 43 9.09 -25.99 12.48
CA ARG A 43 9.54 -24.60 12.67
C ARG A 43 8.67 -23.67 11.86
N SER A 44 8.00 -22.72 12.54
CA SER A 44 7.53 -21.52 11.85
C SER A 44 8.33 -20.32 12.34
N GLY A 45 8.36 -19.24 11.53
CA GLY A 45 9.18 -18.10 11.90
C GLY A 45 10.65 -18.38 11.78
N VAL A 46 11.00 -19.31 10.90
CA VAL A 46 12.34 -19.86 10.71
C VAL A 46 13.13 -18.95 9.77
N GLY A 47 14.43 -18.82 10.05
CA GLY A 47 15.40 -18.19 9.16
C GLY A 47 16.16 -19.21 8.33
N VAL A 48 16.50 -18.85 7.10
CA VAL A 48 17.08 -19.83 6.19
C VAL A 48 18.19 -19.16 5.41
N ALA A 49 19.30 -19.88 5.24
CA ALA A 49 20.33 -19.37 4.33
C ALA A 49 21.07 -20.52 3.65
N VAL A 50 21.80 -20.19 2.57
CA VAL A 50 22.58 -21.20 1.85
C VAL A 50 24.06 -20.87 2.04
N LEU A 51 24.82 -21.87 2.47
CA LEU A 51 26.26 -21.71 2.68
C LEU A 51 26.92 -22.93 2.08
N GLN A 52 27.78 -22.69 1.08
CA GLN A 52 28.49 -23.74 0.36
C GLN A 52 27.55 -24.86 -0.06
N GLY A 53 26.43 -24.46 -0.68
CA GLY A 53 25.53 -25.39 -1.30
C GLY A 53 24.67 -26.17 -0.34
N ARG A 54 24.77 -25.90 0.95
CA ARG A 54 23.85 -26.52 1.89
C ARG A 54 22.90 -25.48 2.42
N ILE A 55 21.68 -25.93 2.75
CA ILE A 55 20.61 -25.07 3.27
C ILE A 55 20.58 -25.15 4.80
N TYR A 56 20.84 -24.01 5.44
CA TYR A 56 20.82 -23.91 6.88
C TYR A 56 19.49 -23.35 7.32
N VAL A 57 18.88 -23.99 8.31
CA VAL A 57 17.59 -23.54 8.83
C VAL A 57 17.76 -23.27 10.32
N LEU A 58 17.30 -22.12 10.76
CA LEU A 58 17.63 -21.76 12.14
C LEU A 58 16.48 -21.10 12.86
N GLY A 59 16.38 -21.38 14.13
CA GLY A 59 15.38 -20.66 14.92
C GLY A 59 13.98 -21.13 14.56
N GLY A 60 13.00 -20.27 14.88
CA GLY A 60 11.60 -20.59 14.67
C GLY A 60 10.96 -21.03 15.95
N TYR A 61 9.71 -21.46 15.80
CA TYR A 61 8.85 -21.90 16.91
C TYR A 61 8.27 -23.23 16.52
N ASP A 62 8.27 -24.21 17.44
CA ASP A 62 7.88 -25.55 17.02
C ASP A 62 6.49 -25.93 17.49
N GLY A 63 5.70 -24.96 18.00
CA GLY A 63 4.41 -25.22 18.59
C GLY A 63 4.41 -25.21 20.11
N HIS A 64 5.59 -25.32 20.72
CA HIS A 64 5.72 -25.30 22.18
C HIS A 64 6.85 -24.38 22.64
N THR A 65 7.99 -24.39 21.95
CA THR A 65 9.19 -23.68 22.40
C THR A 65 9.80 -22.84 21.28
N PHE A 66 10.41 -21.74 21.69
CA PHE A 66 11.14 -20.86 20.74
C PHE A 66 12.53 -21.48 20.59
N LEU A 67 12.95 -21.68 19.35
CA LEU A 67 14.15 -22.52 19.12
C LEU A 67 15.48 -21.81 18.93
N ASP A 68 16.52 -22.40 19.47
CA ASP A 68 17.91 -21.92 19.21
C ASP A 68 18.60 -22.92 18.28
N SER A 69 17.87 -23.94 17.84
CA SER A 69 18.50 -25.03 17.11
C SER A 69 18.60 -24.70 15.62
N VAL A 70 19.57 -25.34 15.01
CA VAL A 70 19.91 -25.12 13.61
C VAL A 70 20.05 -26.50 12.97
N GLU A 71 19.68 -26.60 11.69
CA GLU A 71 19.89 -27.84 10.95
C GLU A 71 20.31 -27.49 9.53
N ALA A 72 20.99 -28.41 8.86
CA ALA A 72 21.46 -28.15 7.50
C ALA A 72 21.04 -29.25 6.55
N TYR A 73 20.63 -28.86 5.34
CA TYR A 73 20.13 -29.82 4.37
C TYR A 73 21.15 -29.94 3.27
N ASP A 74 21.42 -31.17 2.84
CA ASP A 74 22.29 -31.33 1.67
C ASP A 74 21.46 -31.84 0.49
N PRO A 75 21.17 -31.00 -0.52
CA PRO A 75 20.33 -31.48 -1.64
C PRO A 75 20.84 -32.72 -2.33
N ASP A 76 22.14 -32.91 -2.37
CA ASP A 76 22.71 -34.08 -3.12
C ASP A 76 22.33 -35.40 -2.45
N THR A 77 22.25 -35.41 -1.13
CA THR A 77 21.93 -36.66 -0.40
C THR A 77 20.51 -36.65 0.17
N ASP A 78 19.78 -35.55 -0.01
CA ASP A 78 18.40 -35.47 0.55
C ASP A 78 18.43 -35.78 2.04
N THR A 79 19.44 -35.26 2.74
CA THR A 79 19.57 -35.57 4.18
C THR A 79 19.81 -34.32 5.02
N TRP A 80 19.18 -34.31 6.19
CA TRP A 80 19.34 -33.23 7.16
C TRP A 80 20.35 -33.64 8.23
N SER A 81 21.18 -32.67 8.63
CA SER A 81 22.21 -32.89 9.67
C SER A 81 22.13 -31.76 10.71
N GLU A 82 22.38 -32.11 11.96
CA GLU A 82 22.31 -31.10 13.03
C GLU A 82 23.48 -30.13 12.92
N VAL A 83 23.28 -28.89 13.33
CA VAL A 83 24.34 -27.86 13.38
C VAL A 83 24.31 -27.32 14.81
N THR A 84 25.41 -26.72 15.24
CA THR A 84 25.48 -26.13 16.58
C THR A 84 24.37 -25.11 16.80
N ARG A 85 23.88 -25.05 18.04
CA ARG A 85 22.80 -24.13 18.39
C ARG A 85 23.26 -22.67 18.47
N MET A 86 22.33 -21.75 18.17
CA MET A 86 22.53 -20.32 18.43
C MET A 86 22.60 -20.00 19.91
N THR A 87 23.09 -18.77 20.19
CA THR A 87 23.23 -18.27 21.56
C THR A 87 21.88 -18.01 22.21
N SER A 88 20.83 -17.81 21.42
CA SER A 88 19.51 -17.52 21.95
C SER A 88 18.48 -18.18 21.05
N GLY A 89 17.33 -18.55 21.61
CA GLY A 89 16.19 -18.87 20.77
C GLY A 89 15.74 -17.63 20.00
N ARG A 90 15.34 -17.82 18.75
CA ARG A 90 14.99 -16.65 17.93
C ARG A 90 13.91 -17.10 16.95
N SER A 91 12.71 -16.54 17.08
CA SER A 91 11.68 -16.66 16.07
C SER A 91 11.48 -15.35 15.31
N GLY A 92 11.16 -15.45 14.02
CA GLY A 92 11.01 -14.25 13.26
C GLY A 92 12.35 -13.62 13.02
N VAL A 93 13.37 -14.45 12.87
CA VAL A 93 14.76 -14.04 12.79
C VAL A 93 15.13 -13.77 11.34
N GLY A 94 15.91 -12.72 11.11
CA GLY A 94 16.46 -12.47 9.77
C GLY A 94 17.79 -13.15 9.56
N VAL A 95 18.11 -13.50 8.31
CA VAL A 95 19.34 -14.28 8.10
C VAL A 95 20.08 -13.73 6.90
N ALA A 96 21.41 -13.58 7.04
CA ALA A 96 22.25 -13.10 5.94
C ALA A 96 23.44 -14.02 5.82
N VAL A 97 23.94 -14.13 4.60
CA VAL A 97 25.20 -14.86 4.42
C VAL A 97 26.18 -13.93 3.71
N THR A 98 27.35 -13.76 4.29
CA THR A 98 28.40 -12.95 3.64
C THR A 98 29.75 -13.37 4.20
N ASP A 99 30.78 -13.37 3.36
CA ASP A 99 32.15 -13.64 3.86
C ASP A 99 32.29 -15.06 4.38
N GLY A 100 31.31 -15.90 4.12
CA GLY A 100 31.46 -17.33 4.39
C GLY A 100 30.89 -17.48 5.80
N HIS A 101 30.15 -16.45 6.25
CA HIS A 101 29.53 -16.49 7.58
C HIS A 101 28.01 -16.38 7.47
N ILE A 102 27.33 -16.93 8.47
CA ILE A 102 25.86 -16.78 8.55
C ILE A 102 25.59 -15.82 9.70
N TYR A 103 24.73 -14.83 9.46
CA TYR A 103 24.32 -13.92 10.52
C TYR A 103 22.87 -14.14 10.84
N ALA A 104 22.54 -14.25 12.12
CA ALA A 104 21.16 -14.33 12.58
C ALA A 104 20.85 -13.02 13.27
N VAL A 105 19.77 -12.34 12.81
CA VAL A 105 19.52 -10.96 13.18
C VAL A 105 18.18 -10.89 13.93
N GLY A 106 18.20 -10.42 15.19
CA GLY A 106 17.00 -10.08 15.92
C GLY A 106 16.16 -11.32 16.19
N GLY A 107 14.85 -11.13 16.23
CA GLY A 107 13.96 -12.24 16.50
C GLY A 107 13.27 -12.04 17.83
N PHE A 108 12.40 -12.99 18.14
CA PHE A 108 11.61 -13.02 19.38
C PHE A 108 11.96 -14.29 20.11
N ASP A 109 12.30 -14.19 21.40
CA ASP A 109 12.77 -15.38 22.11
C ASP A 109 11.71 -16.01 22.97
N GLY A 110 10.47 -15.60 22.82
CA GLY A 110 9.36 -16.08 23.60
C GLY A 110 8.88 -15.07 24.61
N HIS A 111 9.69 -14.08 24.93
CA HIS A 111 9.32 -13.01 25.85
C HIS A 111 9.60 -11.62 25.27
N THR A 112 10.70 -11.45 24.56
CA THR A 112 11.04 -10.12 24.11
C THR A 112 11.63 -10.15 22.70
N HIS A 113 11.53 -9.00 22.06
CA HIS A 113 12.12 -8.79 20.74
C HIS A 113 13.56 -8.36 20.90
N LEU A 114 14.46 -9.01 20.14
CA LEU A 114 15.91 -8.88 20.33
C LEU A 114 16.50 -7.85 19.40
N ASN A 115 17.47 -7.07 19.89
CA ASN A 115 18.35 -6.31 19.00
C ASN A 115 19.70 -6.98 18.85
N SER A 116 19.87 -8.16 19.44
CA SER A 116 21.12 -8.86 19.32
C SER A 116 21.24 -9.53 17.95
N VAL A 117 22.50 -9.71 17.55
CA VAL A 117 22.82 -10.33 16.25
C VAL A 117 23.97 -11.31 16.50
N GLU A 118 23.87 -12.46 15.88
CA GLU A 118 24.94 -13.46 16.10
C GLU A 118 25.46 -13.98 14.76
N ALA A 119 26.69 -14.46 14.84
CA ALA A 119 27.34 -14.96 13.62
C ALA A 119 27.86 -16.39 13.79
N TYR A 120 27.71 -17.15 12.72
CA TYR A 120 28.16 -18.54 12.67
C TYR A 120 29.52 -18.61 11.97
N ASP A 121 30.49 -19.16 12.68
CA ASP A 121 31.89 -19.27 12.31
C ASP A 121 32.15 -20.67 11.78
N PRO A 122 32.39 -20.86 10.48
CA PRO A 122 32.71 -22.20 9.99
C PRO A 122 34.08 -22.71 10.48
N GLU A 123 35.00 -21.84 10.87
CA GLU A 123 36.22 -22.33 11.52
C GLU A 123 35.87 -23.27 12.67
N ARG A 124 34.82 -22.94 13.44
CA ARG A 124 34.54 -23.59 14.71
C ARG A 124 33.19 -24.32 14.85
N ASP A 125 32.26 -24.17 13.88
CA ASP A 125 30.86 -24.65 14.05
C ASP A 125 30.29 -24.11 15.36
N GLU A 126 30.55 -22.83 15.63
CA GLU A 126 30.09 -22.19 16.85
C GLU A 126 29.48 -20.85 16.50
N TRP A 127 28.47 -20.43 17.28
CA TRP A 127 27.88 -19.10 17.14
C TRP A 127 28.39 -18.15 18.20
N HIS A 128 28.47 -16.86 17.86
CA HIS A 128 28.79 -15.88 18.89
C HIS A 128 28.15 -14.56 18.54
N LEU A 129 27.81 -13.79 19.58
CA LEU A 129 27.18 -12.50 19.35
C LEU A 129 28.19 -11.54 18.71
N VAL A 130 27.66 -10.68 17.84
CA VAL A 130 28.43 -9.58 17.27
C VAL A 130 27.81 -8.28 17.83
N ALA A 131 28.14 -7.13 17.27
CA ALA A 131 27.59 -5.88 17.81
C ALA A 131 26.07 -5.85 17.63
N PRO A 132 25.33 -5.44 18.63
CA PRO A 132 23.87 -5.35 18.45
C PRO A 132 23.42 -4.19 17.56
N MET A 133 22.27 -4.40 16.91
CA MET A 133 21.55 -3.30 16.29
C MET A 133 21.05 -2.29 17.31
N THR A 134 20.68 -1.11 16.80
CA THR A 134 20.11 -0.06 17.69
C THR A 134 18.69 -0.43 18.10
N THR A 135 17.92 -0.99 17.18
CA THR A 135 16.49 -1.27 17.49
C THR A 135 16.21 -2.76 17.60
N ARG A 136 15.33 -3.12 18.53
CA ARG A 136 14.90 -4.53 18.66
C ARG A 136 13.95 -4.83 17.50
N ARG A 137 14.07 -6.02 16.92
CA ARG A 137 13.24 -6.26 15.74
C ARG A 137 12.97 -7.75 15.58
N SER A 138 11.69 -8.12 15.49
CA SER A 138 11.34 -9.50 15.08
C SER A 138 10.52 -9.35 13.79
N GLY A 139 10.44 -10.41 13.00
CA GLY A 139 9.71 -10.29 11.72
C GLY A 139 10.45 -9.38 10.77
N VAL A 140 11.78 -9.48 10.80
CA VAL A 140 12.67 -8.51 10.18
C VAL A 140 13.13 -9.04 8.84
N GLY A 141 13.38 -8.14 7.90
CA GLY A 141 13.91 -8.53 6.60
C GLY A 141 15.38 -8.21 6.56
N VAL A 142 16.16 -9.06 5.91
CA VAL A 142 17.61 -8.88 5.86
C VAL A 142 18.09 -9.10 4.44
N ALA A 143 18.99 -8.23 3.99
CA ALA A 143 19.55 -8.28 2.64
C ALA A 143 21.03 -7.99 2.71
N VAL A 144 21.80 -8.66 1.84
CA VAL A 144 23.23 -8.38 1.69
C VAL A 144 23.43 -7.64 0.37
N LEU A 145 24.10 -6.49 0.43
CA LEU A 145 24.23 -5.69 -0.79
C LEU A 145 25.56 -4.96 -0.74
N GLN A 146 26.35 -5.14 -1.79
CA GLN A 146 27.80 -4.88 -1.76
C GLN A 146 28.34 -5.77 -0.64
N GLY A 147 29.01 -5.24 0.36
CA GLY A 147 29.47 -6.13 1.41
C GLY A 147 28.63 -6.05 2.67
N ARG A 148 27.65 -5.13 2.71
CA ARG A 148 26.94 -4.75 3.92
C ARG A 148 25.63 -5.52 4.11
N ILE A 149 25.26 -5.75 5.37
CA ILE A 149 24.01 -6.40 5.73
C ILE A 149 22.99 -5.33 6.07
N TYR A 150 21.90 -5.28 5.30
CA TYR A 150 20.81 -4.34 5.59
C TYR A 150 19.69 -5.05 6.36
N VAL A 151 19.21 -4.36 7.38
CA VAL A 151 18.14 -4.91 8.25
C VAL A 151 16.96 -3.94 8.14
N LEU A 152 15.80 -4.45 7.74
CA LEU A 152 14.66 -3.58 7.41
C LEU A 152 13.41 -4.01 8.17
N GLY A 153 12.73 -3.02 8.69
CA GLY A 153 11.43 -3.31 9.30
C GLY A 153 11.44 -4.16 10.52
N GLY A 154 10.31 -4.87 10.64
CA GLY A 154 10.09 -5.68 11.82
C GLY A 154 9.18 -5.03 12.82
N TYR A 155 9.09 -5.69 13.98
CA TYR A 155 8.25 -5.27 15.08
C TYR A 155 9.10 -5.26 16.35
N ASP A 156 8.97 -4.21 17.16
CA ASP A 156 9.81 -4.16 18.37
C ASP A 156 9.01 -4.37 19.65
N GLY A 157 7.74 -4.78 19.55
CA GLY A 157 6.86 -4.87 20.70
C GLY A 157 5.97 -3.68 20.90
N HIS A 158 6.21 -2.58 20.19
CA HIS A 158 5.42 -1.35 20.29
C HIS A 158 5.05 -0.81 18.92
N THR A 159 6.04 -0.74 18.04
CA THR A 159 5.98 -0.03 16.77
C THR A 159 6.17 -1.01 15.62
N PHE A 160 5.38 -0.85 14.56
CA PHE A 160 5.65 -1.57 13.31
C PHE A 160 6.65 -0.72 12.52
N LEU A 161 7.88 -1.22 12.37
CA LEU A 161 9.00 -0.36 12.05
C LEU A 161 9.17 -0.10 10.56
N ASP A 162 9.43 1.16 10.23
CA ASP A 162 9.88 1.49 8.88
C ASP A 162 11.37 1.72 8.80
N SER A 163 12.10 1.57 9.91
CA SER A 163 13.48 1.96 9.96
C SER A 163 14.36 0.85 9.37
N VAL A 164 15.58 1.24 8.99
CA VAL A 164 16.53 0.37 8.32
C VAL A 164 17.91 0.67 8.88
N GLU A 165 18.73 -0.36 9.10
CA GLU A 165 20.10 -0.21 9.60
C GLU A 165 21.03 -1.03 8.72
N ALA A 166 22.32 -0.68 8.68
CA ALA A 166 23.25 -1.46 7.86
C ALA A 166 24.44 -1.85 8.69
N TYR A 167 24.84 -3.10 8.56
CA TYR A 167 25.97 -3.65 9.30
C TYR A 167 27.16 -3.80 8.38
N ASP A 168 28.33 -3.38 8.85
CA ASP A 168 29.57 -3.61 8.12
C ASP A 168 30.36 -4.69 8.85
N PRO A 169 30.48 -5.92 8.32
CA PRO A 169 31.19 -6.97 9.08
C PRO A 169 32.66 -6.72 9.27
N ASP A 170 33.30 -6.00 8.34
CA ASP A 170 34.72 -5.67 8.49
C ASP A 170 35.00 -4.89 9.76
N THR A 171 34.07 -4.03 10.17
CA THR A 171 34.30 -3.13 11.29
C THR A 171 33.42 -3.46 12.48
N ASP A 172 32.49 -4.39 12.32
CA ASP A 172 31.54 -4.78 13.37
C ASP A 172 30.83 -3.55 13.93
N THR A 173 30.29 -2.72 13.01
CA THR A 173 29.58 -1.49 13.38
C THR A 173 28.31 -1.35 12.54
N TRP A 174 27.35 -0.63 13.10
CA TRP A 174 26.04 -0.42 12.50
C TRP A 174 25.91 1.04 12.06
N SER A 175 25.10 1.28 11.01
CA SER A 175 24.88 2.61 10.47
C SER A 175 23.39 2.76 10.13
N GLU A 176 22.91 3.99 10.07
CA GLU A 176 21.48 4.19 9.74
C GLU A 176 21.31 4.30 8.23
N VAL A 177 20.14 3.89 7.76
CA VAL A 177 19.80 3.98 6.32
C VAL A 177 18.44 4.69 6.24
N THR A 178 18.16 5.35 5.12
CA THR A 178 16.83 5.99 4.95
C THR A 178 15.69 5.01 5.26
N ARG A 179 14.68 5.52 5.97
CA ARG A 179 13.52 4.69 6.31
C ARG A 179 12.66 4.34 5.09
N MET A 180 11.93 3.25 5.22
CA MET A 180 11.04 2.82 4.13
C MET A 180 9.80 3.71 4.09
N THR A 181 9.03 3.57 3.03
CA THR A 181 7.80 4.34 2.87
C THR A 181 6.71 3.93 3.86
N SER A 182 6.81 2.74 4.45
CA SER A 182 5.77 2.22 5.32
C SER A 182 6.44 1.35 6.38
N GLY A 183 5.82 1.29 7.55
CA GLY A 183 6.26 0.28 8.51
C GLY A 183 5.89 -1.09 7.96
N ARG A 184 6.76 -2.09 8.18
CA ARG A 184 6.55 -3.42 7.58
C ARG A 184 7.11 -4.43 8.57
N SER A 185 6.23 -5.11 9.28
CA SER A 185 6.59 -6.27 10.10
C SER A 185 6.21 -7.55 9.37
N GLY A 186 7.08 -8.56 9.44
CA GLY A 186 6.82 -9.79 8.69
C GLY A 186 7.10 -9.59 7.21
N VAL A 187 8.03 -8.73 6.91
CA VAL A 187 8.35 -8.30 5.55
C VAL A 187 9.26 -9.33 4.88
N GLY A 188 9.14 -9.45 3.55
CA GLY A 188 10.03 -10.29 2.76
C GLY A 188 11.01 -9.39 2.07
N VAL A 189 12.20 -9.90 1.76
CA VAL A 189 13.23 -9.06 1.13
C VAL A 189 13.92 -9.81 0.00
N ALA A 190 14.20 -9.08 -1.08
CA ALA A 190 14.99 -9.66 -2.17
C ALA A 190 16.02 -8.63 -2.57
N VAL A 191 17.18 -9.09 -3.04
CA VAL A 191 18.17 -8.25 -3.72
C VAL A 191 18.31 -8.73 -5.13
N THR A 192 18.11 -7.82 -6.08
CA THR A 192 18.40 -8.15 -7.46
C THR A 192 18.74 -6.84 -8.16
N ASP A 193 19.75 -6.91 -9.02
CA ASP A 193 20.16 -5.81 -9.90
C ASP A 193 20.40 -4.54 -9.09
N GLY A 194 21.21 -4.67 -8.03
CA GLY A 194 21.67 -3.55 -7.24
C GLY A 194 20.64 -2.84 -6.39
N HIS A 195 19.42 -3.40 -6.27
CA HIS A 195 18.39 -2.84 -5.44
C HIS A 195 17.92 -3.85 -4.40
N ILE A 196 17.47 -3.33 -3.28
CA ILE A 196 16.78 -4.14 -2.28
C ILE A 196 15.29 -3.93 -2.44
N TYR A 197 14.51 -5.02 -2.47
CA TYR A 197 13.06 -4.95 -2.52
C TYR A 197 12.51 -5.36 -1.16
N ALA A 198 11.63 -4.54 -0.58
CA ALA A 198 10.89 -4.90 0.63
C ALA A 198 9.49 -5.28 0.18
N VAL A 199 9.01 -6.46 0.56
CA VAL A 199 7.80 -7.07 -0.01
C VAL A 199 6.79 -7.27 1.09
N GLY A 200 5.61 -6.62 0.98
CA GLY A 200 4.53 -6.98 1.88
C GLY A 200 4.83 -6.61 3.31
N GLY A 201 4.26 -7.39 4.24
CA GLY A 201 4.37 -7.10 5.65
C GLY A 201 3.04 -6.67 6.24
N PHE A 202 3.10 -6.21 7.47
CA PHE A 202 1.94 -5.79 8.25
C PHE A 202 2.32 -4.46 8.87
N ASP A 203 1.45 -3.45 8.77
CA ASP A 203 1.83 -2.14 9.29
C ASP A 203 1.07 -1.78 10.56
N GLY A 204 0.41 -2.74 11.20
CA GLY A 204 -0.38 -2.43 12.37
C GLY A 204 -1.86 -2.27 12.09
N HIS A 205 -2.21 -1.90 10.87
CA HIS A 205 -3.62 -1.82 10.52
C HIS A 205 -4.02 -2.74 9.41
N THR A 206 -3.15 -2.95 8.44
CA THR A 206 -3.52 -3.80 7.34
C THR A 206 -2.29 -4.63 6.94
N HIS A 207 -2.53 -5.86 6.49
CA HIS A 207 -1.50 -6.58 5.72
C HIS A 207 -1.29 -5.86 4.39
N LEU A 208 -0.06 -5.88 3.90
CA LEU A 208 0.33 -5.07 2.75
C LEU A 208 0.54 -5.94 1.51
N ASN A 209 0.07 -5.42 0.36
CA ASN A 209 0.51 -5.94 -0.92
C ASN A 209 1.51 -5.02 -1.62
N SER A 210 1.87 -3.88 -1.03
CA SER A 210 2.85 -3.02 -1.66
C SER A 210 4.25 -3.56 -1.54
N VAL A 211 5.07 -3.10 -2.45
CA VAL A 211 6.47 -3.51 -2.57
C VAL A 211 7.26 -2.25 -2.87
N GLU A 212 8.40 -2.09 -2.24
CA GLU A 212 9.16 -0.88 -2.49
C GLU A 212 10.60 -1.29 -2.70
N ALA A 213 11.32 -0.48 -3.49
CA ALA A 213 12.67 -0.78 -3.91
C ALA A 213 13.62 0.31 -3.42
N TYR A 214 14.80 -0.09 -2.94
CA TYR A 214 15.79 0.84 -2.41
C TYR A 214 16.86 1.06 -3.45
N ASP A 215 17.13 2.32 -3.75
CA ASP A 215 18.23 2.63 -4.64
C ASP A 215 19.38 3.12 -3.75
N PRO A 216 20.45 2.34 -3.59
CA PRO A 216 21.54 2.80 -2.71
C PRO A 216 22.35 3.97 -3.30
N GLU A 217 22.28 4.21 -4.62
CA GLU A 217 22.95 5.40 -5.18
C GLU A 217 22.41 6.67 -4.56
N ARG A 218 21.10 6.75 -4.40
CA ARG A 218 20.37 7.96 -4.04
C ARG A 218 19.80 7.92 -2.62
N ASP A 219 20.08 6.85 -1.86
CA ASP A 219 19.44 6.51 -0.59
C ASP A 219 17.98 6.92 -0.57
N GLU A 220 17.15 6.19 -1.33
CA GLU A 220 15.76 6.57 -1.53
C GLU A 220 14.95 5.28 -1.70
N TRP A 221 13.78 5.22 -1.07
CA TRP A 221 12.81 4.15 -1.34
C TRP A 221 11.71 4.64 -2.28
N HIS A 222 11.30 3.77 -3.20
CA HIS A 222 10.17 4.08 -4.08
C HIS A 222 9.31 2.84 -4.25
N LEU A 223 7.99 3.05 -4.31
CA LEU A 223 7.11 1.91 -4.58
C LEU A 223 7.26 1.44 -6.01
N VAL A 224 7.04 0.13 -6.18
CA VAL A 224 6.93 -0.49 -7.50
C VAL A 224 5.55 -1.13 -7.57
N ALA A 225 5.29 -1.97 -8.58
CA ALA A 225 3.92 -2.49 -8.70
C ALA A 225 3.61 -3.42 -7.52
N PRO A 226 2.40 -3.33 -6.93
CA PRO A 226 2.07 -4.17 -5.80
C PRO A 226 1.72 -5.61 -6.19
N MET A 227 1.89 -6.51 -5.23
CA MET A 227 1.46 -7.91 -5.48
C MET A 227 -0.06 -7.94 -5.52
N THR A 228 -0.60 -9.09 -5.88
CA THR A 228 -2.07 -9.22 -5.88
C THR A 228 -2.56 -9.43 -4.46
N THR A 229 -1.92 -10.29 -3.69
CA THR A 229 -2.41 -10.67 -2.36
C THR A 229 -1.62 -9.94 -1.30
N ARG A 230 -2.35 -9.34 -0.33
CA ARG A 230 -1.73 -8.76 0.86
C ARG A 230 -1.18 -9.89 1.74
N ARG A 231 0.04 -9.74 2.25
CA ARG A 231 0.81 -10.86 2.79
C ARG A 231 1.81 -10.38 3.83
N SER A 232 1.81 -11.00 5.00
CA SER A 232 2.95 -10.91 5.90
C SER A 232 3.44 -12.31 6.26
N GLY A 233 4.62 -12.40 6.83
CA GLY A 233 5.17 -13.73 7.11
C GLY A 233 5.56 -14.53 5.88
N VAL A 234 5.93 -13.82 4.78
CA VAL A 234 6.16 -14.43 3.47
C VAL A 234 7.60 -14.90 3.38
N GLY A 235 7.86 -15.79 2.41
CA GLY A 235 9.22 -16.05 1.98
C GLY A 235 9.42 -15.41 0.62
N VAL A 236 10.64 -14.97 0.38
CA VAL A 236 11.00 -14.32 -0.87
C VAL A 236 12.31 -14.92 -1.37
N ALA A 237 12.36 -15.11 -2.69
CA ALA A 237 13.55 -15.70 -3.31
C ALA A 237 13.80 -15.02 -4.64
N VAL A 238 15.08 -14.91 -5.01
CA VAL A 238 15.38 -14.43 -6.38
C VAL A 238 15.90 -15.64 -7.15
N LEU A 239 15.31 -15.91 -8.31
CA LEU A 239 15.77 -17.04 -9.15
C LEU A 239 15.62 -16.66 -10.62
N GLN A 240 16.71 -16.79 -11.36
CA GLN A 240 16.67 -16.52 -12.82
C GLN A 240 16.04 -15.15 -13.04
N GLY A 241 16.54 -14.13 -12.32
CA GLY A 241 16.14 -12.73 -12.53
C GLY A 241 14.76 -12.38 -12.01
N ARG A 242 14.04 -13.36 -11.48
CA ARG A 242 12.66 -13.09 -11.03
C ARG A 242 12.56 -13.15 -9.51
N ILE A 243 11.65 -12.34 -8.97
CA ILE A 243 11.40 -12.32 -7.51
C ILE A 243 10.15 -13.15 -7.22
N TYR A 244 10.30 -14.19 -6.42
CA TYR A 244 9.18 -15.07 -6.06
C TYR A 244 8.78 -14.79 -4.63
N VAL A 245 7.48 -14.60 -4.44
CA VAL A 245 6.92 -14.36 -3.07
C VAL A 245 6.03 -15.56 -2.74
N LEU A 246 6.26 -16.15 -1.57
CA LEU A 246 5.63 -17.43 -1.23
C LEU A 246 4.92 -17.39 0.12
N GLY A 247 3.73 -17.97 0.16
CA GLY A 247 3.05 -18.14 1.44
C GLY A 247 2.72 -16.87 2.19
N GLY A 248 2.73 -17.01 3.50
CA GLY A 248 2.39 -15.86 4.31
C GLY A 248 0.96 -15.93 4.81
N TYR A 249 0.49 -14.78 5.30
CA TYR A 249 -0.79 -14.68 6.00
C TYR A 249 -1.43 -13.38 5.53
N ASP A 250 -2.73 -13.41 5.17
CA ASP A 250 -3.33 -12.20 4.65
C ASP A 250 -4.30 -11.56 5.64
N GLY A 251 -4.26 -11.97 6.91
CA GLY A 251 -5.23 -11.50 7.88
C GLY A 251 -6.38 -12.43 8.11
N HIS A 252 -6.53 -13.46 7.26
CA HIS A 252 -7.57 -14.48 7.41
C HIS A 252 -7.04 -15.88 7.11
N THR A 253 -6.32 -16.02 6.01
CA THR A 253 -5.94 -17.30 5.44
C THR A 253 -4.43 -17.50 5.55
N PHE A 254 -4.01 -18.71 5.91
CA PHE A 254 -2.61 -19.12 5.78
C PHE A 254 -2.37 -19.59 4.35
N LEU A 255 -1.55 -18.84 3.62
CA LEU A 255 -1.52 -18.89 2.17
C LEU A 255 -0.56 -19.93 1.63
N ASP A 256 -0.97 -20.55 0.50
CA ASP A 256 -0.11 -21.50 -0.25
C ASP A 256 0.23 -20.86 -1.60
N SER A 257 -0.30 -19.67 -1.81
CA SER A 257 -0.08 -18.89 -3.07
CA SER A 257 -0.06 -18.92 -3.08
C SER A 257 1.37 -18.36 -3.30
N VAL A 258 1.70 -18.39 -4.58
CA VAL A 258 3.04 -17.90 -4.97
C VAL A 258 2.86 -16.92 -6.14
N GLU A 259 3.66 -15.86 -6.11
CA GLU A 259 3.62 -14.85 -7.19
C GLU A 259 5.05 -14.58 -7.64
N ALA A 260 5.19 -14.21 -8.91
CA ALA A 260 6.54 -13.91 -9.43
C ALA A 260 6.53 -12.50 -10.05
N TYR A 261 7.63 -11.81 -9.83
CA TYR A 261 7.74 -10.42 -10.33
C TYR A 261 8.91 -10.32 -11.25
N ASP A 262 8.68 -9.70 -12.40
CA ASP A 262 9.77 -9.44 -13.35
C ASP A 262 10.10 -7.94 -13.26
N PRO A 263 11.29 -7.58 -12.73
CA PRO A 263 11.68 -6.16 -12.58
C PRO A 263 11.71 -5.44 -13.94
N ASP A 264 11.92 -6.22 -15.00
CA ASP A 264 12.02 -5.58 -16.33
C ASP A 264 10.66 -5.12 -16.84
N THR A 265 9.57 -5.67 -16.32
CA THR A 265 8.22 -5.30 -16.79
C THR A 265 7.39 -4.74 -15.65
N ASP A 266 8.00 -4.69 -14.46
CA ASP A 266 7.23 -4.24 -13.29
C ASP A 266 5.88 -4.96 -13.17
N THR A 267 5.88 -6.28 -13.46
CA THR A 267 4.64 -7.05 -13.53
C THR A 267 4.71 -8.26 -12.62
N TRP A 268 3.65 -8.49 -11.82
CA TRP A 268 3.51 -9.72 -11.03
C TRP A 268 2.68 -10.72 -11.81
N SER A 269 3.07 -11.99 -11.74
CA SER A 269 2.36 -13.06 -12.42
C SER A 269 2.14 -14.21 -11.43
N GLU A 270 1.02 -14.91 -11.53
CA GLU A 270 0.78 -16.02 -10.61
C GLU A 270 1.52 -17.26 -11.09
N VAL A 271 2.02 -18.03 -10.15
CA VAL A 271 2.62 -19.30 -10.45
C VAL A 271 1.97 -20.37 -9.56
N THR A 272 2.43 -21.60 -9.74
CA THR A 272 1.72 -22.71 -9.15
C THR A 272 1.86 -22.66 -7.64
N ARG A 273 0.76 -23.01 -6.93
CA ARG A 273 0.69 -22.98 -5.48
C ARG A 273 1.57 -24.03 -4.84
N MET A 274 1.93 -23.77 -3.58
CA MET A 274 2.71 -24.76 -2.81
C MET A 274 1.80 -25.92 -2.39
N THR A 275 2.41 -27.01 -1.92
CA THR A 275 1.66 -28.21 -1.50
C THR A 275 0.90 -27.91 -0.22
N SER A 276 1.34 -26.88 0.49
CA SER A 276 0.70 -26.51 1.76
C SER A 276 0.71 -25.00 1.99
N GLY A 277 -0.32 -24.52 2.66
CA GLY A 277 -0.17 -23.15 3.16
C GLY A 277 0.97 -23.09 4.16
N ARG A 278 1.71 -21.99 4.14
CA ARG A 278 2.90 -21.85 4.97
C ARG A 278 3.04 -20.38 5.34
N SER A 279 2.69 -20.01 6.56
CA SER A 279 3.07 -18.68 7.00
C SER A 279 4.25 -18.75 7.95
N GLY A 280 5.07 -17.71 7.93
CA GLY A 280 6.31 -17.79 8.68
C GLY A 280 7.25 -18.80 8.06
N VAL A 281 7.26 -18.87 6.74
CA VAL A 281 8.01 -19.83 5.95
C VAL A 281 9.37 -19.28 5.67
N GLY A 282 10.38 -20.14 5.64
CA GLY A 282 11.72 -19.71 5.24
C GLY A 282 12.00 -20.14 3.81
N VAL A 283 12.91 -19.42 3.15
CA VAL A 283 13.17 -19.67 1.72
C VAL A 283 14.66 -19.75 1.44
N ALA A 284 15.02 -20.74 0.62
CA ALA A 284 16.40 -20.83 0.10
C ALA A 284 16.38 -21.04 -1.42
N VAL A 285 17.45 -20.56 -2.07
CA VAL A 285 17.63 -20.81 -3.51
C VAL A 285 18.97 -21.54 -3.67
N THR A 286 18.90 -22.74 -4.23
CA THR A 286 20.12 -23.54 -4.42
C THR A 286 19.86 -24.53 -5.56
N GLY B 6 -1.28 -0.29 -8.15
CA GLY B 6 -2.65 -0.49 -7.69
C GLY B 6 -3.64 -0.32 -8.83
N HIS B 7 -4.89 -0.08 -8.46
CA HIS B 7 -5.95 0.03 -9.42
C HIS B 7 -6.62 1.37 -9.20
N ILE B 8 -7.33 1.88 -10.21
CA ILE B 8 -8.25 3.00 -10.01
C ILE B 8 -9.66 2.44 -9.87
N TYR B 9 -10.41 2.90 -8.86
CA TYR B 9 -11.80 2.47 -8.69
C TYR B 9 -12.68 3.67 -8.96
N ALA B 10 -13.61 3.51 -9.90
CA ALA B 10 -14.61 4.56 -10.20
C ALA B 10 -15.92 4.13 -9.54
N VAL B 11 -16.44 4.99 -8.67
CA VAL B 11 -17.59 4.60 -7.83
C VAL B 11 -18.82 5.47 -8.11
N GLY B 12 -19.88 4.82 -8.52
CA GLY B 12 -21.12 5.58 -8.67
C GLY B 12 -21.11 6.63 -9.77
N GLY B 13 -21.89 7.67 -9.53
CA GLY B 13 -22.03 8.70 -10.54
C GLY B 13 -23.43 8.66 -11.14
N PHE B 14 -23.66 9.60 -12.06
CA PHE B 14 -24.93 9.73 -12.78
C PHE B 14 -24.62 9.61 -14.26
N ASP B 15 -25.43 8.85 -15.01
CA ASP B 15 -25.07 8.61 -16.40
C ASP B 15 -26.06 9.27 -17.35
N GLY B 16 -26.89 10.15 -16.83
CA GLY B 16 -27.89 10.85 -17.61
C GLY B 16 -29.22 10.15 -17.58
N HIS B 17 -29.26 8.94 -17.04
CA HIS B 17 -30.51 8.20 -16.87
C HIS B 17 -30.76 7.84 -15.42
N THR B 18 -29.81 7.15 -14.78
CA THR B 18 -29.95 6.72 -13.40
C THR B 18 -28.71 7.09 -12.61
N HIS B 19 -28.88 7.16 -11.29
CA HIS B 19 -27.75 7.23 -10.38
C HIS B 19 -27.20 5.81 -10.18
N LEU B 20 -25.87 5.68 -10.18
CA LEU B 20 -25.27 4.36 -10.29
C LEU B 20 -24.84 3.80 -8.95
N ASN B 21 -25.07 2.50 -8.76
CA ASN B 21 -24.45 1.80 -7.64
C ASN B 21 -23.30 0.93 -8.09
N SER B 22 -22.99 0.92 -9.39
CA SER B 22 -21.89 0.11 -9.86
C SER B 22 -20.55 0.78 -9.56
N VAL B 23 -19.53 -0.07 -9.55
CA VAL B 23 -18.14 0.35 -9.28
C VAL B 23 -17.25 -0.41 -10.26
N GLU B 24 -16.34 0.30 -10.89
CA GLU B 24 -15.44 -0.35 -11.85
C GLU B 24 -13.97 -0.09 -11.48
N ALA B 25 -13.14 -1.05 -11.86
CA ALA B 25 -11.72 -0.96 -11.51
C ALA B 25 -10.86 -0.93 -12.78
N TYR B 26 -9.85 -0.07 -12.76
CA TYR B 26 -8.94 0.04 -13.89
C TYR B 26 -7.64 -0.66 -13.59
N ASP B 27 -7.14 -1.41 -14.55
CA ASP B 27 -5.91 -2.16 -14.42
C ASP B 27 -4.92 -1.57 -15.42
N PRO B 28 -3.92 -0.79 -14.98
CA PRO B 28 -3.02 -0.14 -15.94
C PRO B 28 -2.13 -1.14 -16.68
N GLU B 29 -1.95 -2.32 -16.09
CA GLU B 29 -1.27 -3.45 -16.71
C GLU B 29 -1.85 -3.78 -18.09
N ARG B 30 -3.17 -3.97 -18.17
CA ARG B 30 -3.79 -4.35 -19.42
C ARG B 30 -4.58 -3.24 -20.09
N ASP B 31 -4.61 -2.03 -19.52
CA ASP B 31 -5.46 -0.96 -20.05
C ASP B 31 -6.90 -1.46 -20.17
N GLU B 32 -7.46 -1.97 -19.07
CA GLU B 32 -8.82 -2.53 -19.10
C GLU B 32 -9.60 -2.09 -17.87
N TRP B 33 -10.90 -1.86 -18.05
CA TRP B 33 -11.81 -1.58 -16.95
C TRP B 33 -12.74 -2.77 -16.77
N HIS B 34 -13.04 -3.12 -15.51
CA HIS B 34 -14.06 -4.15 -15.34
C HIS B 34 -14.87 -3.85 -14.08
N LEU B 35 -16.16 -4.23 -14.13
CA LEU B 35 -17.03 -4.05 -12.96
C LEU B 35 -16.57 -4.92 -11.80
N VAL B 36 -16.62 -4.35 -10.59
CA VAL B 36 -16.51 -5.18 -9.39
C VAL B 36 -17.87 -5.19 -8.67
N ALA B 37 -17.89 -5.58 -7.38
CA ALA B 37 -19.18 -5.74 -6.73
C ALA B 37 -19.83 -4.38 -6.47
N PRO B 38 -21.12 -4.24 -6.74
CA PRO B 38 -21.77 -2.93 -6.57
C PRO B 38 -21.98 -2.54 -5.13
N MET B 39 -22.03 -1.22 -4.91
CA MET B 39 -22.39 -0.71 -3.59
C MET B 39 -23.87 -0.96 -3.33
N THR B 40 -24.27 -0.80 -2.06
CA THR B 40 -25.67 -1.04 -1.70
C THR B 40 -26.57 0.08 -2.22
N THR B 41 -26.10 1.32 -2.15
CA THR B 41 -26.91 2.50 -2.45
C THR B 41 -26.45 3.11 -3.78
N ARG B 42 -27.39 3.52 -4.63
CA ARG B 42 -26.99 4.31 -5.79
C ARG B 42 -26.64 5.73 -5.35
N ARG B 43 -25.53 6.27 -5.87
CA ARG B 43 -25.13 7.58 -5.39
C ARG B 43 -24.33 8.29 -6.45
N SER B 44 -24.65 9.57 -6.67
CA SER B 44 -23.77 10.44 -7.43
C SER B 44 -23.38 11.63 -6.55
N GLY B 45 -22.32 12.31 -6.93
CA GLY B 45 -21.84 13.40 -6.10
C GLY B 45 -21.26 12.91 -4.80
N VAL B 46 -20.69 11.69 -4.80
CA VAL B 46 -20.15 11.07 -3.59
C VAL B 46 -18.72 11.52 -3.35
N GLY B 47 -18.30 11.38 -2.10
CA GLY B 47 -16.91 11.54 -1.74
C GLY B 47 -16.32 10.17 -1.49
N VAL B 48 -15.02 10.02 -1.79
CA VAL B 48 -14.42 8.71 -1.65
C VAL B 48 -13.06 8.89 -0.98
N ALA B 49 -12.76 8.01 -0.04
CA ALA B 49 -11.50 8.02 0.71
C ALA B 49 -10.97 6.60 0.84
N VAL B 50 -9.64 6.43 0.75
CA VAL B 50 -9.02 5.14 1.03
C VAL B 50 -8.32 5.26 2.37
N LEU B 51 -8.60 4.31 3.27
CA LEU B 51 -7.98 4.33 4.60
C LEU B 51 -7.83 2.90 5.06
N GLN B 52 -6.56 2.53 5.31
CA GLN B 52 -6.19 1.24 5.86
C GLN B 52 -6.78 0.09 5.04
N GLY B 53 -6.61 0.19 3.72
CA GLY B 53 -7.01 -0.84 2.78
C GLY B 53 -8.48 -0.95 2.50
N ARG B 54 -9.30 -0.01 2.94
CA ARG B 54 -10.72 -0.03 2.59
C ARG B 54 -11.05 1.25 1.84
N ILE B 55 -11.97 1.15 0.89
CA ILE B 55 -12.47 2.33 0.15
C ILE B 55 -13.76 2.80 0.81
N TYR B 56 -13.75 3.99 1.42
CA TYR B 56 -14.94 4.56 2.06
C TYR B 56 -15.66 5.41 1.02
N VAL B 57 -16.98 5.26 1.00
CA VAL B 57 -17.84 6.04 0.07
C VAL B 57 -18.76 6.84 0.99
N LEU B 58 -18.82 8.17 0.82
N LEU B 58 -18.85 8.15 0.76
CA LEU B 58 -19.54 9.06 1.76
CA LEU B 58 -19.53 9.04 1.71
C LEU B 58 -20.57 9.90 1.01
C LEU B 58 -20.54 9.93 1.00
N GLY B 59 -21.75 9.98 1.53
CA GLY B 59 -22.73 10.94 1.01
C GLY B 59 -23.20 10.72 -0.41
N GLY B 60 -23.45 11.83 -1.09
CA GLY B 60 -23.94 11.74 -2.46
C GLY B 60 -25.44 11.93 -2.48
N TYR B 61 -26.04 11.47 -3.56
CA TYR B 61 -27.41 11.80 -3.86
C TYR B 61 -27.92 10.75 -4.81
N ASP B 62 -29.17 10.36 -4.64
CA ASP B 62 -29.71 9.24 -5.40
C ASP B 62 -30.92 9.66 -6.24
N GLY B 63 -31.12 10.96 -6.46
CA GLY B 63 -32.29 11.44 -7.16
C GLY B 63 -33.45 11.84 -6.28
N HIS B 64 -33.35 11.57 -4.98
CA HIS B 64 -34.41 11.89 -4.01
C HIS B 64 -33.83 12.41 -2.70
N THR B 65 -32.81 11.74 -2.20
CA THR B 65 -32.28 11.96 -0.87
C THR B 65 -30.84 12.45 -0.98
N PHE B 66 -30.49 13.50 -0.21
CA PHE B 66 -29.10 13.89 -0.02
C PHE B 66 -28.57 13.08 1.16
N LEU B 67 -27.64 12.18 0.86
CA LEU B 67 -27.34 11.04 1.72
C LEU B 67 -26.38 11.39 2.85
N ASP B 68 -26.65 10.85 4.05
CA ASP B 68 -25.71 10.94 5.16
C ASP B 68 -25.01 9.62 5.40
N SER B 69 -25.30 8.59 4.60
CA SER B 69 -24.78 7.25 4.83
C SER B 69 -23.35 7.12 4.31
N VAL B 70 -22.65 6.15 4.87
CA VAL B 70 -21.27 5.84 4.54
C VAL B 70 -21.16 4.34 4.39
N GLU B 71 -20.43 3.90 3.36
CA GLU B 71 -20.18 2.48 3.12
C GLU B 71 -18.70 2.25 2.86
N ALA B 72 -18.18 1.08 3.21
CA ALA B 72 -16.76 0.83 3.03
C ALA B 72 -16.62 -0.46 2.25
N TYR B 73 -15.67 -0.49 1.33
CA TYR B 73 -15.43 -1.65 0.47
C TYR B 73 -14.08 -2.27 0.76
N ASP B 74 -14.05 -3.59 0.96
CA ASP B 74 -12.76 -4.27 1.02
C ASP B 74 -12.53 -4.98 -0.32
N PRO B 75 -11.66 -4.49 -1.21
CA PRO B 75 -11.55 -5.11 -2.53
C PRO B 75 -11.11 -6.56 -2.53
N ASP B 76 -10.40 -7.02 -1.51
CA ASP B 76 -9.90 -8.39 -1.47
C ASP B 76 -10.95 -9.42 -1.10
N THR B 77 -12.04 -9.00 -0.44
CA THR B 77 -13.17 -9.86 -0.15
C THR B 77 -14.45 -9.45 -0.89
N ASP B 78 -14.46 -8.29 -1.57
CA ASP B 78 -15.68 -7.69 -2.16
C ASP B 78 -16.76 -7.36 -1.19
N THR B 79 -16.43 -7.27 0.09
CA THR B 79 -17.48 -7.02 1.06
C THR B 79 -17.74 -5.51 1.14
N TRP B 80 -19.00 -5.09 0.99
CA TRP B 80 -19.40 -3.72 1.31
C TRP B 80 -19.98 -3.70 2.71
N SER B 81 -19.48 -2.79 3.54
CA SER B 81 -19.81 -2.73 4.96
C SER B 81 -20.43 -1.39 5.29
N GLU B 82 -21.47 -1.39 6.12
CA GLU B 82 -22.09 -0.11 6.53
C GLU B 82 -21.24 0.55 7.61
N VAL B 83 -21.00 1.83 7.47
CA VAL B 83 -20.21 2.60 8.45
C VAL B 83 -21.13 3.63 9.08
N THR B 84 -20.80 4.06 10.28
CA THR B 84 -21.55 5.13 10.97
C THR B 84 -21.94 6.29 10.04
N ARG B 85 -23.21 6.69 10.12
CA ARG B 85 -23.68 7.80 9.32
C ARG B 85 -23.05 9.14 9.75
N MET B 86 -22.89 10.04 8.77
CA MET B 86 -22.41 11.38 9.07
C MET B 86 -23.46 12.21 9.82
N THR B 87 -23.00 13.38 10.33
CA THR B 87 -23.91 14.26 11.07
C THR B 87 -24.94 14.92 10.18
N SER B 88 -24.68 14.95 8.89
CA SER B 88 -25.46 15.70 7.91
C SER B 88 -25.45 14.93 6.59
N GLY B 89 -26.56 15.02 5.85
CA GLY B 89 -26.52 14.64 4.44
C GLY B 89 -25.61 15.59 3.69
N ARG B 90 -24.80 15.04 2.78
CA ARG B 90 -23.93 15.90 1.98
C ARG B 90 -23.73 15.30 0.60
N SER B 91 -24.14 16.04 -0.44
CA SER B 91 -23.73 15.69 -1.79
C SER B 91 -22.83 16.76 -2.38
N GLY B 92 -22.01 16.39 -3.36
CA GLY B 92 -20.94 17.31 -3.80
C GLY B 92 -19.97 17.61 -2.67
N VAL B 93 -19.71 16.60 -1.86
CA VAL B 93 -18.87 16.69 -0.67
C VAL B 93 -17.44 16.42 -1.07
N GLY B 94 -16.52 17.05 -0.36
CA GLY B 94 -15.11 16.76 -0.49
C GLY B 94 -14.69 15.84 0.63
N VAL B 95 -13.70 15.00 0.36
CA VAL B 95 -13.26 14.02 1.33
C VAL B 95 -11.73 14.03 1.38
N ALA B 96 -11.18 14.09 2.59
CA ALA B 96 -9.72 14.08 2.77
C ALA B 96 -9.36 13.05 3.82
N VAL B 97 -8.18 12.49 3.65
CA VAL B 97 -7.68 11.49 4.64
C VAL B 97 -6.34 11.98 5.17
N THR B 98 -6.25 12.11 6.49
CA THR B 98 -4.93 12.49 7.04
C THR B 98 -4.80 11.97 8.46
N ASP B 99 -3.64 11.39 8.81
CA ASP B 99 -3.38 10.94 10.22
C ASP B 99 -4.50 10.04 10.76
N GLY B 100 -4.82 9.00 10.02
CA GLY B 100 -5.82 8.01 10.37
C GLY B 100 -7.23 8.56 10.48
N HIS B 101 -7.49 9.74 9.92
CA HIS B 101 -8.80 10.40 10.03
C HIS B 101 -9.35 10.66 8.64
N ILE B 102 -10.69 10.53 8.48
CA ILE B 102 -11.38 10.94 7.25
C ILE B 102 -12.12 12.23 7.54
N TYR B 103 -12.06 13.20 6.63
CA TYR B 103 -12.76 14.47 6.80
C TYR B 103 -13.74 14.60 5.67
N ALA B 104 -14.97 14.94 6.01
CA ALA B 104 -16.01 15.22 5.04
C ALA B 104 -16.26 16.72 5.04
N VAL B 105 -16.09 17.34 3.87
CA VAL B 105 -15.96 18.79 3.78
C VAL B 105 -17.14 19.34 2.98
N GLY B 106 -17.92 20.22 3.61
CA GLY B 106 -18.93 20.97 2.86
C GLY B 106 -19.99 20.09 2.22
N GLY B 107 -20.49 20.54 1.09
CA GLY B 107 -21.51 19.78 0.38
C GLY B 107 -22.87 20.47 0.45
N PHE B 108 -23.85 19.81 -0.14
CA PHE B 108 -25.23 20.31 -0.15
C PHE B 108 -26.11 19.31 0.57
N ASP B 109 -26.97 19.78 1.49
CA ASP B 109 -27.77 18.86 2.29
C ASP B 109 -29.22 18.79 1.86
N GLY B 110 -29.54 19.35 0.70
CA GLY B 110 -30.89 19.39 0.23
C GLY B 110 -31.58 20.71 0.49
N HIS B 111 -31.05 21.51 1.40
CA HIS B 111 -31.62 22.79 1.76
C HIS B 111 -30.61 23.92 1.78
N THR B 112 -29.37 23.66 2.17
CA THR B 112 -28.37 24.71 2.28
C THR B 112 -27.03 24.16 1.83
N HIS B 113 -26.21 25.02 1.24
CA HIS B 113 -24.80 24.69 1.01
C HIS B 113 -24.03 24.83 2.32
N LEU B 114 -23.21 23.82 2.66
CA LEU B 114 -22.60 23.69 3.99
C LEU B 114 -21.19 24.27 4.05
N ASN B 115 -20.87 24.91 5.19
CA ASN B 115 -19.49 25.25 5.51
C ASN B 115 -18.96 24.37 6.63
N SER B 116 -19.77 23.40 7.07
CA SER B 116 -19.38 22.48 8.13
C SER B 116 -18.46 21.39 7.60
N VAL B 117 -17.62 20.93 8.52
CA VAL B 117 -16.64 19.86 8.19
C VAL B 117 -16.71 18.88 9.35
N GLU B 118 -16.72 17.59 9.02
CA GLU B 118 -16.82 16.57 10.08
C GLU B 118 -15.69 15.57 9.93
N ALA B 119 -15.31 14.97 11.05
CA ALA B 119 -14.17 14.05 11.03
C ALA B 119 -14.54 12.68 11.62
N TYR B 120 -13.96 11.65 11.01
CA TYR B 120 -14.17 10.26 11.48
C TYR B 120 -12.84 9.54 11.68
N ASP B 121 -12.79 8.80 12.75
N ASP B 121 -12.78 8.79 12.79
CA ASP B 121 -11.61 7.97 13.03
CA ASP B 121 -11.58 7.96 13.04
C ASP B 121 -12.11 6.53 13.15
C ASP B 121 -12.08 6.52 13.20
N PRO B 122 -11.52 5.55 12.48
CA PRO B 122 -12.03 4.19 12.53
C PRO B 122 -11.95 3.58 13.94
N GLU B 123 -11.09 4.12 14.81
CA GLU B 123 -11.02 3.47 16.13
C GLU B 123 -12.18 3.94 17.03
N ARG B 124 -12.40 5.26 17.11
CA ARG B 124 -13.58 5.76 17.84
C ARG B 124 -14.88 5.41 17.14
N ASP B 125 -14.86 5.38 15.79
CA ASP B 125 -16.02 5.00 15.00
C ASP B 125 -17.15 6.02 15.13
N GLU B 126 -16.78 7.29 15.30
CA GLU B 126 -17.76 8.35 15.44
C GLU B 126 -17.44 9.49 14.50
N TRP B 127 -18.50 10.14 14.03
CA TRP B 127 -18.37 11.40 13.32
C TRP B 127 -18.54 12.56 14.27
N HIS B 128 -17.69 13.59 14.11
CA HIS B 128 -17.83 14.77 14.95
C HIS B 128 -17.45 16.00 14.15
N LEU B 129 -18.24 17.08 14.32
CA LEU B 129 -17.91 18.33 13.63
C LEU B 129 -16.59 18.85 14.13
N VAL B 130 -15.78 19.43 13.22
CA VAL B 130 -14.61 20.20 13.59
C VAL B 130 -14.89 21.65 13.22
N ALA B 131 -13.86 22.52 13.19
CA ALA B 131 -14.10 23.95 12.89
C ALA B 131 -14.66 24.11 11.48
N PRO B 132 -15.72 24.90 11.29
CA PRO B 132 -16.25 25.13 9.93
C PRO B 132 -15.34 26.00 9.07
N MET B 133 -15.43 25.76 7.76
CA MET B 133 -14.78 26.64 6.79
C MET B 133 -15.41 28.04 6.83
N THR B 134 -14.67 29.01 6.25
CA THR B 134 -15.21 30.36 6.14
C THR B 134 -16.33 30.46 5.11
N THR B 135 -16.19 29.72 4.02
CA THR B 135 -17.17 29.83 2.92
C THR B 135 -17.97 28.55 2.74
N ARG B 136 -19.27 28.68 2.54
CA ARG B 136 -20.12 27.51 2.22
C ARG B 136 -19.76 27.03 0.83
N ARG B 137 -19.65 25.71 0.65
CA ARG B 137 -19.17 25.19 -0.65
C ARG B 137 -19.69 23.77 -0.93
N SER B 138 -20.30 23.58 -2.09
CA SER B 138 -20.68 22.24 -2.57
C SER B 138 -19.96 22.07 -3.91
N GLY B 139 -19.77 20.84 -4.33
CA GLY B 139 -19.00 20.61 -5.54
C GLY B 139 -17.55 21.04 -5.42
N VAL B 140 -16.95 20.77 -4.27
CA VAL B 140 -15.62 21.22 -3.92
C VAL B 140 -14.64 20.12 -4.23
N GLY B 141 -13.38 20.54 -4.42
CA GLY B 141 -12.27 19.61 -4.48
C GLY B 141 -11.42 19.73 -3.22
N VAL B 142 -10.81 18.61 -2.82
CA VAL B 142 -10.12 18.57 -1.52
C VAL B 142 -8.82 17.83 -1.77
N ALA B 143 -7.74 18.35 -1.20
CA ALA B 143 -6.46 17.67 -1.30
C ALA B 143 -5.70 17.78 0.01
N VAL B 144 -4.88 16.76 0.31
CA VAL B 144 -3.99 16.82 1.46
C VAL B 144 -2.56 17.01 0.94
N LEU B 145 -1.86 17.99 1.49
CA LEU B 145 -0.50 18.30 1.09
C LEU B 145 0.25 18.83 2.31
N GLN B 146 1.44 18.28 2.54
CA GLN B 146 2.15 18.48 3.80
C GLN B 146 1.19 17.85 4.82
N GLY B 147 0.81 18.55 5.88
CA GLY B 147 -0.19 18.02 6.79
C GLY B 147 -1.53 18.70 6.71
N ARG B 148 -1.74 19.59 5.73
CA ARG B 148 -2.90 20.47 5.71
C ARG B 148 -3.95 19.96 4.72
N ILE B 149 -5.23 20.20 5.03
CA ILE B 149 -6.30 19.90 4.09
C ILE B 149 -6.60 21.16 3.30
N TYR B 150 -6.48 21.07 1.98
CA TYR B 150 -6.84 22.21 1.12
C TYR B 150 -8.23 21.97 0.52
N VAL B 151 -9.08 22.99 0.56
N VAL B 151 -9.07 23.03 0.66
CA VAL B 151 -10.43 22.89 -0.07
CA VAL B 151 -10.41 22.93 0.02
C VAL B 151 -10.44 23.93 -1.19
C VAL B 151 -10.42 23.97 -1.10
N LEU B 152 -10.98 23.54 -2.33
CA LEU B 152 -10.84 24.43 -3.50
C LEU B 152 -12.13 24.51 -4.30
N GLY B 153 -12.49 25.75 -4.60
CA GLY B 153 -13.61 25.95 -5.49
C GLY B 153 -14.95 25.57 -4.88
N GLY B 154 -15.86 25.18 -5.75
CA GLY B 154 -17.19 24.82 -5.32
C GLY B 154 -18.16 25.95 -5.60
N TYR B 155 -19.34 25.82 -5.03
CA TYR B 155 -20.44 26.75 -5.26
C TYR B 155 -21.11 27.00 -3.91
N ASP B 156 -21.40 28.27 -3.62
CA ASP B 156 -21.96 28.62 -2.32
C ASP B 156 -23.44 28.96 -2.40
N GLY B 157 -24.12 28.58 -3.48
CA GLY B 157 -25.52 28.92 -3.67
C GLY B 157 -25.72 30.14 -4.53
N HIS B 158 -24.63 30.82 -4.90
CA HIS B 158 -24.68 32.09 -5.63
C HIS B 158 -23.49 32.22 -6.57
N THR B 159 -22.30 32.05 -6.00
CA THR B 159 -21.05 32.25 -6.76
C THR B 159 -20.29 30.94 -7.00
N PHE B 160 -19.74 30.79 -8.22
CA PHE B 160 -18.84 29.67 -8.56
C PHE B 160 -17.50 30.17 -8.03
N LEU B 161 -16.96 29.47 -7.06
CA LEU B 161 -15.82 30.02 -6.29
C LEU B 161 -14.44 29.73 -6.85
N ASP B 162 -13.61 30.77 -6.81
CA ASP B 162 -12.22 30.53 -7.13
C ASP B 162 -11.35 30.40 -5.89
N SER B 163 -11.95 30.50 -4.71
CA SER B 163 -11.23 30.62 -3.46
C SER B 163 -10.77 29.26 -2.92
N VAL B 164 -9.74 29.32 -2.07
CA VAL B 164 -9.02 28.18 -1.53
C VAL B 164 -8.79 28.41 -0.05
N GLU B 165 -9.04 27.40 0.78
CA GLU B 165 -8.81 27.50 2.21
C GLU B 165 -8.03 26.27 2.63
N ALA B 166 -7.21 26.38 3.69
CA ALA B 166 -6.44 25.24 4.19
C ALA B 166 -6.69 25.08 5.68
N TYR B 167 -6.83 23.82 6.10
CA TYR B 167 -7.15 23.47 7.48
C TYR B 167 -5.95 22.78 8.11
N ASP B 168 -5.59 23.18 9.33
CA ASP B 168 -4.55 22.43 10.02
C ASP B 168 -5.20 21.65 11.16
N PRO B 169 -5.26 20.31 11.06
CA PRO B 169 -5.91 19.54 12.13
C PRO B 169 -5.25 19.64 13.49
N ASP B 170 -3.92 19.92 13.59
CA ASP B 170 -3.32 20.05 14.93
C ASP B 170 -3.70 21.34 15.63
N THR B 171 -4.27 22.31 14.90
CA THR B 171 -4.75 23.59 15.51
C THR B 171 -6.27 23.81 15.34
N ASP B 172 -6.92 23.04 14.48
CA ASP B 172 -8.39 23.21 14.27
C ASP B 172 -8.70 24.62 13.78
N THR B 173 -7.90 25.10 12.83
CA THR B 173 -8.09 26.47 12.28
C THR B 173 -7.93 26.47 10.76
N TRP B 174 -8.79 27.19 10.07
CA TRP B 174 -8.74 27.39 8.64
C TRP B 174 -7.96 28.67 8.34
N SER B 175 -7.25 28.66 7.21
CA SER B 175 -6.55 29.83 6.68
C SER B 175 -6.80 29.95 5.18
N GLU B 176 -6.82 31.21 4.72
CA GLU B 176 -7.06 31.44 3.29
C GLU B 176 -5.76 31.21 2.54
N VAL B 177 -5.92 30.77 1.30
CA VAL B 177 -4.73 30.54 0.45
C VAL B 177 -5.03 31.27 -0.87
N THR B 178 -4.01 31.45 -1.68
CA THR B 178 -4.18 32.19 -2.94
C THR B 178 -5.27 31.54 -3.81
N ARG B 179 -6.12 32.40 -4.35
CA ARG B 179 -7.23 31.97 -5.21
C ARG B 179 -6.73 31.33 -6.49
N MET B 180 -7.56 30.44 -7.03
CA MET B 180 -7.23 29.88 -8.34
C MET B 180 -7.46 30.92 -9.44
N THR B 181 -6.96 30.61 -10.63
CA THR B 181 -7.12 31.45 -11.82
C THR B 181 -8.57 31.55 -12.28
N SER B 182 -9.44 30.60 -11.89
CA SER B 182 -10.80 30.47 -12.42
C SER B 182 -11.71 29.97 -11.30
N GLY B 183 -12.96 30.43 -11.29
CA GLY B 183 -13.96 29.73 -10.47
C GLY B 183 -14.15 28.33 -11.02
N ARG B 184 -14.37 27.36 -10.13
CA ARG B 184 -14.44 25.95 -10.55
C ARG B 184 -15.37 25.21 -9.59
N SER B 185 -16.54 24.78 -10.03
CA SER B 185 -17.33 23.87 -9.20
C SER B 185 -17.41 22.53 -9.92
N GLY B 186 -17.58 21.46 -9.14
CA GLY B 186 -17.47 20.16 -9.76
C GLY B 186 -16.07 19.90 -10.27
N VAL B 187 -15.08 20.46 -9.60
CA VAL B 187 -13.67 20.37 -9.96
C VAL B 187 -13.06 19.08 -9.40
N GLY B 188 -12.11 18.51 -10.13
CA GLY B 188 -11.38 17.35 -9.65
C GLY B 188 -10.04 17.79 -9.10
N VAL B 189 -9.48 17.04 -8.16
CA VAL B 189 -8.23 17.50 -7.54
C VAL B 189 -7.25 16.34 -7.47
N ALA B 190 -5.98 16.60 -7.74
CA ALA B 190 -4.92 15.61 -7.59
C ALA B 190 -3.77 16.24 -6.83
N VAL B 191 -3.01 15.42 -6.10
CA VAL B 191 -1.74 15.87 -5.52
C VAL B 191 -0.65 14.98 -6.06
N THR B 192 0.37 15.57 -6.69
CA THR B 192 1.54 14.83 -7.11
C THR B 192 2.72 15.80 -7.19
N ASP B 193 3.92 15.28 -6.91
CA ASP B 193 5.14 16.09 -6.92
C ASP B 193 5.00 17.33 -6.04
N GLY B 194 4.33 17.18 -4.89
CA GLY B 194 4.15 18.30 -4.00
C GLY B 194 3.38 19.47 -4.59
N HIS B 195 2.65 19.26 -5.69
CA HIS B 195 1.77 20.28 -6.26
C HIS B 195 0.33 19.82 -6.16
N ILE B 196 -0.61 20.77 -6.03
CA ILE B 196 -2.04 20.44 -6.08
C ILE B 196 -2.54 20.78 -7.48
N TYR B 197 -3.23 19.86 -8.16
CA TYR B 197 -3.80 20.16 -9.47
C TYR B 197 -5.30 20.29 -9.37
N ALA B 198 -5.86 21.39 -9.89
CA ALA B 198 -7.32 21.57 -9.98
C ALA B 198 -7.74 21.37 -11.43
N VAL B 199 -8.58 20.35 -11.66
CA VAL B 199 -8.89 19.82 -12.99
C VAL B 199 -10.35 20.16 -13.35
N GLY B 200 -10.53 20.88 -14.47
CA GLY B 200 -11.86 20.98 -15.01
C GLY B 200 -12.79 21.76 -14.08
N GLY B 201 -14.07 21.39 -14.14
CA GLY B 201 -15.12 22.03 -13.35
C GLY B 201 -15.98 22.92 -14.22
N PHE B 202 -16.88 23.64 -13.56
CA PHE B 202 -17.83 24.53 -14.21
C PHE B 202 -17.64 25.90 -13.58
N ASP B 203 -17.50 26.97 -14.41
CA ASP B 203 -17.25 28.29 -13.85
C ASP B 203 -18.51 29.17 -13.79
N GLY B 204 -19.68 28.59 -13.98
CA GLY B 204 -20.91 29.34 -14.02
C GLY B 204 -21.41 29.60 -15.42
N HIS B 205 -20.51 29.49 -16.38
CA HIS B 205 -20.91 29.71 -17.77
C HIS B 205 -20.47 28.56 -18.67
N THR B 206 -19.30 28.01 -18.38
CA THR B 206 -18.75 26.98 -19.29
C THR B 206 -18.17 25.79 -18.55
N HIS B 207 -18.27 24.62 -19.17
CA HIS B 207 -17.53 23.44 -18.62
C HIS B 207 -16.08 23.64 -19.07
N LEU B 208 -15.14 23.30 -18.21
CA LEU B 208 -13.74 23.66 -18.41
C LEU B 208 -12.88 22.48 -18.83
N ASN B 209 -12.02 22.70 -19.81
CA ASN B 209 -10.92 21.78 -20.02
C ASN B 209 -9.64 22.27 -19.35
N SER B 210 -9.67 23.42 -18.69
CA SER B 210 -8.40 23.94 -18.20
C SER B 210 -8.03 23.22 -16.90
N VAL B 211 -6.72 23.24 -16.63
CA VAL B 211 -6.19 22.57 -15.43
C VAL B 211 -5.14 23.52 -14.83
N GLU B 212 -5.15 23.65 -13.52
CA GLU B 212 -4.09 24.52 -12.96
C GLU B 212 -3.35 23.83 -11.83
N ALA B 213 -2.17 24.35 -11.51
CA ALA B 213 -1.34 23.71 -10.49
C ALA B 213 -0.91 24.73 -9.44
N TYR B 214 -1.07 24.35 -8.18
CA TYR B 214 -0.66 25.17 -7.04
C TYR B 214 0.75 24.79 -6.58
N ASP B 215 1.58 25.81 -6.38
CA ASP B 215 2.95 25.61 -5.89
C ASP B 215 2.92 26.09 -4.45
N PRO B 216 3.10 25.22 -3.45
CA PRO B 216 2.98 25.69 -2.07
C PRO B 216 4.14 26.59 -1.66
N GLU B 217 5.30 26.45 -2.31
CA GLU B 217 6.44 27.27 -1.90
C GLU B 217 6.28 28.72 -2.35
N ARG B 218 5.98 28.94 -3.64
CA ARG B 218 5.77 30.30 -4.10
C ARG B 218 4.36 30.81 -3.85
N ASP B 219 3.42 29.94 -3.43
CA ASP B 219 2.03 30.31 -3.14
C ASP B 219 1.35 31.00 -4.34
N GLU B 220 1.41 30.34 -5.49
CA GLU B 220 0.72 30.81 -6.67
C GLU B 220 0.17 29.63 -7.43
N TRP B 221 -0.82 29.92 -8.27
CA TRP B 221 -1.45 28.97 -9.15
C TRP B 221 -1.01 29.29 -10.56
N HIS B 222 -0.84 28.28 -11.38
CA HIS B 222 -0.52 28.50 -12.78
C HIS B 222 -1.26 27.49 -13.63
N LEU B 223 -1.72 27.92 -14.81
CA LEU B 223 -2.29 26.97 -15.75
C LEU B 223 -1.24 26.01 -16.26
N VAL B 224 -1.63 24.74 -16.45
CA VAL B 224 -0.82 23.79 -17.18
C VAL B 224 -1.55 23.45 -18.49
N ALA B 225 -1.12 22.41 -19.20
CA ALA B 225 -1.75 22.11 -20.49
C ALA B 225 -3.19 21.70 -20.27
N PRO B 226 -4.15 22.22 -21.06
CA PRO B 226 -5.56 21.83 -20.88
C PRO B 226 -5.83 20.40 -21.33
N MET B 227 -6.87 19.80 -20.76
CA MET B 227 -7.32 18.50 -21.23
C MET B 227 -7.94 18.62 -22.61
N THR B 228 -8.14 17.44 -23.23
CA THR B 228 -8.72 17.37 -24.56
C THR B 228 -10.21 17.70 -24.52
N THR B 229 -10.84 17.25 -23.43
CA THR B 229 -12.30 17.37 -23.29
C THR B 229 -12.69 18.21 -22.09
N ARG B 230 -13.70 19.06 -22.28
CA ARG B 230 -14.20 19.85 -21.15
C ARG B 230 -14.93 18.89 -20.20
N ARG B 231 -14.73 19.08 -18.91
CA ARG B 231 -15.33 18.11 -17.99
C ARG B 231 -15.64 18.72 -16.62
N SER B 232 -16.88 18.59 -16.18
CA SER B 232 -17.21 18.95 -14.78
C SER B 232 -17.72 17.67 -14.11
N GLY B 233 -17.73 17.65 -12.78
CA GLY B 233 -18.09 16.40 -12.12
C GLY B 233 -17.13 15.25 -12.35
N VAL B 234 -15.85 15.54 -12.54
CA VAL B 234 -14.85 14.57 -12.95
C VAL B 234 -14.33 13.83 -11.74
N GLY B 235 -13.86 12.61 -11.96
CA GLY B 235 -13.05 11.92 -10.98
C GLY B 235 -11.60 12.03 -11.39
N VAL B 236 -10.71 12.14 -10.40
CA VAL B 236 -9.28 12.30 -10.65
C VAL B 236 -8.51 11.34 -9.73
N ALA B 237 -7.49 10.70 -10.30
CA ALA B 237 -6.68 9.75 -9.54
C ALA B 237 -5.22 9.93 -9.95
N VAL B 238 -4.30 9.81 -8.98
CA VAL B 238 -2.89 9.78 -9.31
C VAL B 238 -2.45 8.33 -9.19
N LEU B 239 -1.81 7.82 -10.23
CA LEU B 239 -1.36 6.42 -10.24
C LEU B 239 -0.08 6.31 -11.05
N GLN B 240 0.98 5.87 -10.40
CA GLN B 240 2.25 5.61 -11.12
C GLN B 240 2.70 6.89 -11.81
N GLY B 241 2.63 8.02 -11.12
CA GLY B 241 3.15 9.29 -11.64
C GLY B 241 2.32 9.92 -12.75
N ARG B 242 1.12 9.41 -12.96
CA ARG B 242 0.22 10.02 -13.96
C ARG B 242 -1.06 10.47 -13.28
N ILE B 243 -1.63 11.55 -13.81
CA ILE B 243 -2.92 12.05 -13.29
C ILE B 243 -3.99 11.57 -14.25
N TYR B 244 -4.84 10.67 -13.77
CA TYR B 244 -5.98 10.21 -14.57
C TYR B 244 -7.19 11.06 -14.28
N VAL B 245 -7.90 11.42 -15.35
CA VAL B 245 -9.17 12.16 -15.23
C VAL B 245 -10.26 11.26 -15.82
N LEU B 246 -11.33 11.05 -15.06
CA LEU B 246 -12.32 10.04 -15.45
C LEU B 246 -13.71 10.66 -15.51
N GLY B 247 -14.39 10.39 -16.61
CA GLY B 247 -15.79 10.78 -16.68
C GLY B 247 -16.05 12.26 -16.59
N GLY B 248 -17.23 12.59 -16.06
CA GLY B 248 -17.66 13.97 -16.01
C GLY B 248 -18.73 14.29 -17.05
N TYR B 249 -19.02 15.58 -17.18
CA TYR B 249 -20.03 16.07 -18.15
C TYR B 249 -19.39 17.22 -18.93
N ASP B 250 -19.59 17.22 -20.25
CA ASP B 250 -18.93 18.23 -21.10
C ASP B 250 -19.93 19.32 -21.50
N GLY B 251 -21.11 19.29 -20.92
CA GLY B 251 -22.16 20.20 -21.32
C GLY B 251 -23.30 19.55 -22.10
N HIS B 252 -23.05 18.38 -22.68
CA HIS B 252 -24.06 17.60 -23.39
C HIS B 252 -23.97 16.11 -23.08
N THR B 253 -22.78 15.57 -22.96
CA THR B 253 -22.58 14.13 -22.86
C THR B 253 -22.06 13.75 -21.47
N PHE B 254 -22.62 12.67 -20.91
CA PHE B 254 -22.06 12.02 -19.73
C PHE B 254 -20.92 11.11 -20.18
N LEU B 255 -19.70 11.46 -19.78
CA LEU B 255 -18.53 10.94 -20.43
C LEU B 255 -18.16 9.59 -19.83
N ASP B 256 -17.78 8.64 -20.70
CA ASP B 256 -17.13 7.42 -20.27
C ASP B 256 -15.63 7.48 -20.55
N SER B 257 -15.16 8.56 -21.16
CA SER B 257 -13.78 8.63 -21.57
C SER B 257 -12.90 8.99 -20.38
N VAL B 258 -11.59 8.72 -20.56
CA VAL B 258 -10.55 8.82 -19.54
C VAL B 258 -9.31 9.35 -20.23
N GLU B 259 -8.63 10.28 -19.59
CA GLU B 259 -7.43 10.93 -20.10
C GLU B 259 -6.36 10.87 -19.03
N ALA B 260 -5.06 10.77 -19.43
CA ALA B 260 -4.03 10.75 -18.41
C ALA B 260 -3.01 11.84 -18.69
N TYR B 261 -2.56 12.52 -17.64
CA TYR B 261 -1.60 13.60 -17.75
C TYR B 261 -0.23 13.13 -17.30
N ASP B 262 0.79 13.44 -18.13
CA ASP B 262 2.19 13.15 -17.83
C ASP B 262 2.85 14.45 -17.40
N PRO B 263 3.24 14.67 -16.12
CA PRO B 263 3.85 15.93 -15.76
C PRO B 263 5.20 16.16 -16.46
N ASP B 264 5.85 15.08 -16.85
CA ASP B 264 7.19 15.21 -17.46
C ASP B 264 7.11 15.93 -18.81
N THR B 265 6.04 15.72 -19.56
CA THR B 265 5.90 16.28 -20.92
C THR B 265 4.79 17.34 -20.98
N ASP B 266 4.03 17.48 -19.89
CA ASP B 266 2.90 18.40 -19.87
C ASP B 266 1.88 18.05 -20.95
N THR B 267 1.66 16.74 -21.17
CA THR B 267 0.75 16.29 -22.21
C THR B 267 -0.31 15.36 -21.65
N TRP B 268 -1.46 15.36 -22.33
CA TRP B 268 -2.59 14.47 -22.04
C TRP B 268 -2.69 13.40 -23.11
N SER B 269 -2.85 12.16 -22.69
CA SER B 269 -3.01 11.05 -23.61
C SER B 269 -4.29 10.31 -23.27
N GLU B 270 -4.89 9.68 -24.27
CA GLU B 270 -6.14 8.93 -24.05
C GLU B 270 -5.90 7.60 -23.34
N VAL B 271 -6.85 7.20 -22.50
CA VAL B 271 -6.82 5.90 -21.78
C VAL B 271 -8.11 5.19 -22.18
N THR B 272 -8.11 3.88 -22.10
CA THR B 272 -9.35 3.14 -22.42
C THR B 272 -10.54 3.65 -21.62
N ARG B 273 -11.68 3.75 -22.28
CA ARG B 273 -12.91 4.24 -21.67
C ARG B 273 -13.43 3.31 -20.59
N MET B 274 -14.18 3.89 -19.64
CA MET B 274 -14.89 3.10 -18.63
C MET B 274 -16.05 2.30 -19.26
N THR B 275 -16.62 1.40 -18.45
CA THR B 275 -17.76 0.61 -18.90
C THR B 275 -19.03 1.46 -19.03
N SER B 276 -19.13 2.57 -18.30
CA SER B 276 -20.32 3.40 -18.30
C SER B 276 -19.88 4.85 -18.27
N GLY B 277 -20.68 5.74 -18.86
CA GLY B 277 -20.52 7.16 -18.57
C GLY B 277 -20.85 7.43 -17.11
N ARG B 278 -20.12 8.36 -16.50
CA ARG B 278 -20.25 8.59 -15.05
C ARG B 278 -19.94 10.05 -14.78
N SER B 279 -20.93 10.81 -14.40
CA SER B 279 -20.66 12.15 -13.90
C SER B 279 -20.88 12.17 -12.39
N GLY B 280 -20.16 13.06 -11.68
CA GLY B 280 -20.30 13.09 -10.24
C GLY B 280 -19.80 11.81 -9.62
N VAL B 281 -18.74 11.22 -10.21
CA VAL B 281 -18.21 9.91 -9.85
C VAL B 281 -17.18 10.13 -8.76
N GLY B 282 -17.09 9.19 -7.81
CA GLY B 282 -16.00 9.20 -6.83
C GLY B 282 -14.87 8.29 -7.31
N VAL B 283 -13.64 8.60 -6.91
CA VAL B 283 -12.50 7.81 -7.38
C VAL B 283 -11.60 7.42 -6.20
N ALA B 284 -11.07 6.20 -6.24
CA ALA B 284 -10.13 5.76 -5.21
C ALA B 284 -8.95 5.12 -5.89
N VAL B 285 -7.77 5.24 -5.29
CA VAL B 285 -6.64 4.46 -5.76
C VAL B 285 -6.23 3.50 -4.67
N THR B 286 -6.30 2.20 -4.96
CA THR B 286 -5.84 1.16 -4.00
C THR B 286 -5.36 -0.07 -4.76
#